data_6RV0
#
_entry.id   6RV0
#
_cell.length_a   90.306
_cell.length_b   90.306
_cell.length_c   142.071
_cell.angle_alpha   90.000
_cell.angle_beta   90.000
_cell.angle_gamma   90.000
#
_symmetry.space_group_name_H-M   'P 41 21 2'
#
loop_
_entity.id
_entity.type
_entity.pdbx_description
1 polymer 'Serine--pyruvate aminotransferase'
2 non-polymer "4'-DEOXY-4'-AMINOPYRIDOXAL-5'-PHOSPHATE"
3 water water
#
_entity_poly.entity_id   1
_entity_poly.type   'polypeptide(L)'
_entity_poly.pdbx_seq_one_letter_code
;MASHKLLVTPPKALLKPLSIPNQLLLGPGPSNLPPRIMAAGGLQMIGSMSKDMYQIMDEIKEGIQYVFQTRNPLTLVISG
SGHCALEAALVNVLEPGDSFLVGANGIWGQRAVDIGERIGARVHPMTKDPGGHYTLQEVEEGLAQHKPVLLFLTHGESST
GVLQPLDGFGELCHRYKCLLLVDSVASLGGTPLYMDRQGIDILYSGSQKALNAPPGTSLISFSDKAKKKMYSRKTKPFSF
YLDIKWLANFWGCDDQPRMYHHTIPVISLYSLRESLALIAEQGLENSWRQHREAAAYLHGRLQALGLQLFVKDPALRLPT
VTTVAVPAGYDWRDIVSYVIDHFDIEIMGGLGPSTGKVLRIGLLGCNATRENVDRVTEALRAALQHCPKKKL
;
_entity_poly.pdbx_strand_id   A
#
# COMPACT_ATOMS: atom_id res chain seq x y z
N LEU A 6 44.13 -4.83 -11.32
CA LEU A 6 42.83 -5.01 -10.61
C LEU A 6 42.22 -6.35 -11.04
N LEU A 7 41.67 -7.09 -10.07
CA LEU A 7 40.78 -8.28 -10.26
C LEU A 7 39.75 -7.99 -11.36
N VAL A 8 38.77 -7.12 -11.11
CA VAL A 8 37.57 -6.88 -11.98
C VAL A 8 37.91 -5.71 -12.92
N THR A 9 37.45 -5.81 -14.17
CA THR A 9 37.51 -4.73 -15.19
C THR A 9 36.12 -4.10 -15.39
N PRO A 10 36.06 -2.85 -15.89
CA PRO A 10 34.77 -2.19 -16.10
C PRO A 10 33.81 -3.10 -16.85
N PRO A 11 32.60 -3.35 -16.30
CA PRO A 11 31.57 -4.10 -17.02
C PRO A 11 31.27 -3.48 -18.40
N LYS A 12 31.32 -4.27 -19.46
CA LYS A 12 31.12 -3.78 -20.86
C LYS A 12 29.66 -3.34 -21.08
N ALA A 13 28.68 -3.92 -20.38
CA ALA A 13 27.24 -3.60 -20.50
C ALA A 13 26.97 -2.19 -19.91
N LEU A 14 27.74 -1.78 -18.90
CA LEU A 14 27.63 -0.46 -18.22
C LEU A 14 28.17 0.65 -19.13
N LEU A 15 28.98 0.30 -20.13
CA LEU A 15 29.64 1.28 -21.04
C LEU A 15 28.74 1.60 -22.24
N LYS A 16 27.53 1.06 -22.32
CA LYS A 16 26.52 1.54 -23.29
C LYS A 16 25.54 2.44 -22.51
N PRO A 17 24.79 3.34 -23.19
CA PRO A 17 23.88 4.25 -22.52
C PRO A 17 22.56 3.56 -22.12
N LEU A 18 22.05 3.88 -20.94
CA LEU A 18 20.81 3.30 -20.36
C LEU A 18 19.64 3.55 -21.32
N SER A 19 18.85 2.52 -21.61
CA SER A 19 17.60 2.63 -22.41
C SER A 19 16.52 1.75 -21.79
N ILE A 20 15.34 2.34 -21.55
CA ILE A 20 14.18 1.66 -20.88
C ILE A 20 12.99 1.74 -21.82
N PRO A 21 12.11 0.70 -21.89
CA PRO A 21 10.96 0.72 -22.79
C PRO A 21 9.85 1.68 -22.35
N ASN A 22 8.79 1.78 -23.17
N ASN A 22 8.79 1.74 -23.17
CA ASN A 22 7.51 2.43 -22.80
CA ASN A 22 7.50 2.41 -22.82
C ASN A 22 6.53 1.32 -22.46
C ASN A 22 6.51 1.31 -22.46
N GLN A 23 6.14 1.21 -21.18
CA GLN A 23 5.13 0.23 -20.71
C GLN A 23 3.98 1.02 -20.08
N LEU A 24 2.74 0.61 -20.36
CA LEU A 24 1.55 1.03 -19.58
C LEU A 24 1.35 0.00 -18.45
N LEU A 25 1.60 0.44 -17.22
CA LEU A 25 1.56 -0.41 -16.00
C LEU A 25 0.13 -0.36 -15.46
N LEU A 26 -0.62 -1.44 -15.69
CA LEU A 26 -2.01 -1.65 -15.21
C LEU A 26 -2.07 -2.95 -14.41
N GLY A 27 -1.05 -3.21 -13.59
CA GLY A 27 -1.06 -4.27 -12.57
C GLY A 27 -1.34 -3.66 -11.21
N PRO A 28 -1.34 -4.47 -10.12
CA PRO A 28 -1.54 -3.97 -8.75
C PRO A 28 -0.58 -2.87 -8.27
N GLY A 29 0.63 -2.82 -8.81
CA GLY A 29 1.64 -1.78 -8.53
C GLY A 29 3.00 -2.19 -9.09
N PRO A 30 3.97 -1.26 -9.19
CA PRO A 30 3.71 0.18 -9.08
C PRO A 30 2.97 0.75 -10.30
N SER A 31 2.69 2.05 -10.24
CA SER A 31 1.93 2.80 -11.26
C SER A 31 2.85 3.71 -12.07
N ASN A 32 2.35 4.20 -13.20
CA ASN A 32 3.07 5.14 -14.09
C ASN A 32 3.11 6.49 -13.36
N LEU A 33 4.04 7.35 -13.74
CA LEU A 33 4.26 8.67 -13.14
C LEU A 33 3.73 9.75 -14.07
N PRO A 34 2.97 10.74 -13.56
CA PRO A 34 2.64 11.93 -14.33
C PRO A 34 3.84 12.84 -14.51
N PRO A 35 3.76 13.82 -15.43
CA PRO A 35 4.87 14.69 -15.77
C PRO A 35 5.50 15.41 -14.58
N ARG A 36 4.67 15.89 -13.64
CA ARG A 36 5.12 16.73 -12.48
C ARG A 36 6.04 15.93 -11.57
N ILE A 37 5.72 14.66 -11.35
CA ILE A 37 6.47 13.72 -10.47
C ILE A 37 7.77 13.30 -11.16
N MET A 38 7.74 13.13 -12.49
CA MET A 38 8.95 12.88 -13.31
C MET A 38 9.87 14.10 -13.23
N ALA A 39 9.30 15.30 -13.29
CA ALA A 39 10.05 16.58 -13.25
C ALA A 39 10.77 16.72 -11.91
N ALA A 40 10.09 16.37 -10.81
CA ALA A 40 10.63 16.45 -9.43
C ALA A 40 11.81 15.50 -9.25
N GLY A 41 11.70 14.28 -9.81
CA GLY A 41 12.74 13.23 -9.76
C GLY A 41 14.04 13.61 -10.47
N GLY A 42 13.99 14.62 -11.35
CA GLY A 42 15.14 15.08 -12.15
C GLY A 42 15.84 16.32 -11.58
N LEU A 43 15.41 16.78 -10.40
CA LEU A 43 15.91 18.03 -9.76
C LEU A 43 17.26 17.75 -9.11
N GLN A 44 17.93 18.81 -8.66
CA GLN A 44 19.24 18.76 -7.98
C GLN A 44 19.06 18.62 -6.47
N MET A 45 20.09 18.08 -5.81
N MET A 45 20.09 18.09 -5.79
CA MET A 45 20.20 17.80 -4.36
CA MET A 45 20.12 17.79 -4.35
C MET A 45 20.18 19.09 -3.52
C MET A 45 20.24 19.05 -3.49
N ILE A 46 19.68 19.00 -2.29
CA ILE A 46 19.86 20.04 -1.21
C ILE A 46 20.38 19.31 0.04
N GLY A 47 20.94 20.04 1.01
CA GLY A 47 21.41 19.46 2.28
C GLY A 47 20.31 18.63 2.94
N SER A 48 20.58 17.39 3.30
CA SER A 48 19.59 16.45 3.88
C SER A 48 19.10 16.94 5.25
N MET A 49 19.78 17.96 5.83
CA MET A 49 19.44 18.51 7.15
C MET A 49 19.46 20.05 7.08
N SER A 50 18.96 20.60 5.97
CA SER A 50 18.85 22.06 5.73
C SER A 50 17.46 22.54 6.14
N LYS A 51 17.29 23.86 6.31
CA LYS A 51 16.00 24.53 6.63
C LYS A 51 14.96 24.19 5.54
N ASP A 52 15.42 24.21 4.28
CA ASP A 52 14.62 23.96 3.05
C ASP A 52 14.15 22.50 3.00
N MET A 53 15.04 21.53 3.31
CA MET A 53 14.65 20.09 3.37
C MET A 53 13.58 19.91 4.45
N TYR A 54 13.72 20.59 5.59
CA TYR A 54 12.78 20.45 6.73
C TYR A 54 11.38 20.97 6.33
N GLN A 55 11.34 22.16 5.72
CA GLN A 55 10.10 22.75 5.18
C GLN A 55 9.39 21.77 4.24
N ILE A 56 10.12 21.11 3.34
CA ILE A 56 9.53 20.08 2.44
C ILE A 56 8.94 18.96 3.31
N MET A 57 9.65 18.51 4.34
CA MET A 57 9.23 17.35 5.18
C MET A 57 7.96 17.73 5.95
N ASP A 58 7.88 18.99 6.36
CA ASP A 58 6.71 19.57 7.08
C ASP A 58 5.49 19.56 6.16
N GLU A 59 5.67 19.98 4.90
CA GLU A 59 4.60 20.02 3.87
C GLU A 59 4.12 18.59 3.56
N ILE A 60 5.06 17.63 3.47
CA ILE A 60 4.74 16.20 3.23
C ILE A 60 3.86 15.69 4.39
N LYS A 61 4.11 16.15 5.63
CA LYS A 61 3.41 15.67 6.85
C LYS A 61 1.95 16.14 6.82
N GLU A 62 1.75 17.44 6.60
CA GLU A 62 0.41 18.04 6.36
C GLU A 62 -0.34 17.25 5.27
N GLY A 63 0.37 16.88 4.20
CA GLY A 63 -0.15 16.03 3.11
C GLY A 63 -0.62 14.68 3.59
N ILE A 64 0.18 13.97 4.38
CA ILE A 64 -0.18 12.60 4.88
C ILE A 64 -1.38 12.76 5.83
N GLN A 65 -1.46 13.90 6.53
CA GLN A 65 -2.58 14.24 7.46
C GLN A 65 -3.86 14.43 6.63
N TYR A 66 -3.75 15.14 5.51
CA TYR A 66 -4.87 15.31 4.54
C TYR A 66 -5.36 13.96 3.97
N VAL A 67 -4.52 13.12 3.38
CA VAL A 67 -4.98 11.86 2.69
C VAL A 67 -5.40 10.82 3.74
N PHE A 68 -4.73 10.78 4.91
CA PHE A 68 -5.07 9.80 5.98
C PHE A 68 -6.32 10.27 6.73
N GLN A 69 -6.53 11.58 6.75
CA GLN A 69 -7.68 12.21 7.47
C GLN A 69 -7.43 11.93 8.96
N THR A 70 -6.42 12.61 9.50
CA THR A 70 -5.94 12.49 10.91
C THR A 70 -5.34 13.83 11.34
N ARG A 71 -5.10 13.98 12.64
CA ARG A 71 -4.32 15.12 13.18
C ARG A 71 -3.23 14.62 14.12
N ASN A 72 -3.10 13.30 14.24
CA ASN A 72 -1.94 12.64 14.90
C ASN A 72 -0.69 13.44 14.56
N PRO A 73 0.00 14.05 15.54
CA PRO A 73 1.29 14.67 15.29
C PRO A 73 2.48 13.69 15.16
N LEU A 74 2.25 12.39 15.42
CA LEU A 74 3.23 11.31 15.12
C LEU A 74 2.80 10.68 13.80
N THR A 75 3.01 11.47 12.73
CA THR A 75 2.83 11.14 11.27
C THR A 75 4.11 11.50 10.53
N LEU A 76 4.59 10.61 9.66
CA LEU A 76 5.89 10.77 8.96
C LEU A 76 6.04 9.74 7.83
N VAL A 77 7.08 9.92 7.03
CA VAL A 77 7.48 9.00 5.92
C VAL A 77 8.50 8.02 6.48
N ILE A 78 8.36 6.76 6.10
CA ILE A 78 9.37 5.67 6.28
C ILE A 78 10.25 5.61 5.03
N SER A 79 11.57 5.75 5.20
CA SER A 79 12.58 5.53 4.13
C SER A 79 12.59 4.06 3.71
N GLY A 80 11.49 3.56 3.13
CA GLY A 80 11.42 2.16 2.66
C GLY A 80 10.14 1.91 1.89
N SER A 81 9.95 0.69 1.38
CA SER A 81 8.72 0.28 0.65
C SER A 81 7.59 -0.06 1.65
N GLY A 82 6.43 -0.51 1.12
CA GLY A 82 5.32 -1.07 1.90
C GLY A 82 5.82 -1.84 3.11
N HIS A 83 6.41 -3.02 2.87
CA HIS A 83 6.94 -3.94 3.92
C HIS A 83 7.64 -3.17 5.03
N CYS A 84 8.40 -2.13 4.67
CA CYS A 84 9.22 -1.34 5.61
C CYS A 84 8.33 -0.54 6.57
N ALA A 85 7.19 -0.05 6.09
CA ALA A 85 6.23 0.68 6.96
C ALA A 85 5.54 -0.32 7.87
N LEU A 86 5.10 -1.46 7.32
CA LEU A 86 4.52 -2.60 8.07
C LEU A 86 5.53 -2.99 9.16
N GLU A 87 6.76 -3.31 8.75
CA GLU A 87 7.82 -3.77 9.69
C GLU A 87 8.04 -2.71 10.78
N ALA A 88 8.15 -1.44 10.43
CA ALA A 88 8.32 -0.32 11.38
C ALA A 88 7.18 -0.28 12.40
N ALA A 89 5.95 -0.52 11.93
CA ALA A 89 4.73 -0.58 12.76
C ALA A 89 4.93 -1.67 13.81
N LEU A 90 5.18 -2.89 13.36
CA LEU A 90 5.21 -4.12 14.21
C LEU A 90 6.40 -4.11 15.17
N VAL A 91 7.59 -3.66 14.76
CA VAL A 91 8.83 -3.75 15.60
C VAL A 91 8.80 -2.65 16.68
N ASN A 92 8.00 -1.60 16.51
CA ASN A 92 7.90 -0.49 17.51
C ASN A 92 6.72 -0.72 18.46
N VAL A 93 5.68 -1.41 17.99
CA VAL A 93 4.43 -1.66 18.79
C VAL A 93 4.58 -2.98 19.57
N LEU A 94 4.87 -4.10 18.88
CA LEU A 94 4.84 -5.47 19.49
C LEU A 94 6.20 -5.80 20.15
N GLU A 95 6.19 -6.00 21.48
CA GLU A 95 7.31 -6.59 22.28
C GLU A 95 7.24 -8.12 22.19
N PRO A 96 8.38 -8.84 22.40
CA PRO A 96 8.34 -10.31 22.43
C PRO A 96 7.35 -10.81 23.49
N GLY A 97 6.53 -11.80 23.13
CA GLY A 97 5.49 -12.41 23.98
C GLY A 97 4.10 -11.86 23.70
N ASP A 98 3.98 -10.54 23.42
CA ASP A 98 2.70 -9.85 23.17
C ASP A 98 1.82 -10.68 22.23
N SER A 99 0.51 -10.52 22.37
CA SER A 99 -0.52 -11.26 21.61
C SER A 99 -0.91 -10.39 20.42
N PHE A 100 -0.82 -10.94 19.22
CA PHE A 100 -1.03 -10.24 17.92
C PHE A 100 -2.11 -10.99 17.12
N LEU A 101 -3.22 -10.31 16.80
CA LEU A 101 -4.35 -10.90 16.03
C LEU A 101 -4.33 -10.38 14.59
N VAL A 102 -4.27 -11.30 13.61
CA VAL A 102 -3.91 -11.00 12.19
C VAL A 102 -4.97 -11.48 11.22
N GLY A 103 -5.59 -10.55 10.48
CA GLY A 103 -6.56 -10.89 9.43
C GLY A 103 -5.88 -11.40 8.16
N ALA A 104 -5.60 -12.71 8.10
CA ALA A 104 -4.82 -13.36 7.02
C ALA A 104 -5.72 -13.72 5.82
N ASN A 105 -6.44 -12.72 5.27
CA ASN A 105 -7.37 -12.88 4.13
C ASN A 105 -6.59 -12.94 2.80
N GLY A 106 -5.33 -12.49 2.79
CA GLY A 106 -4.46 -12.53 1.60
C GLY A 106 -2.99 -12.55 1.97
N ILE A 107 -2.10 -12.33 0.99
CA ILE A 107 -0.63 -12.34 1.22
C ILE A 107 -0.31 -11.37 2.36
N TRP A 108 -0.94 -10.20 2.39
CA TRP A 108 -0.52 -9.08 3.28
C TRP A 108 -0.62 -9.50 4.75
N GLY A 109 -1.73 -10.15 5.14
CA GLY A 109 -1.85 -10.75 6.48
C GLY A 109 -0.78 -11.80 6.72
N GLN A 110 -0.53 -12.67 5.73
CA GLN A 110 0.48 -13.76 5.81
C GLN A 110 1.88 -13.19 6.09
N ARG A 111 2.22 -12.06 5.47
CA ARG A 111 3.51 -11.34 5.67
C ARG A 111 3.53 -10.79 7.10
N ALA A 112 2.50 -10.01 7.49
CA ALA A 112 2.32 -9.47 8.86
C ALA A 112 2.51 -10.61 9.88
N VAL A 113 2.02 -11.81 9.58
CA VAL A 113 2.29 -13.04 10.37
C VAL A 113 3.81 -13.20 10.48
N ASP A 114 4.48 -13.51 9.35
CA ASP A 114 5.93 -13.84 9.24
C ASP A 114 6.77 -12.84 10.07
N ILE A 115 6.56 -11.53 9.89
CA ILE A 115 7.23 -10.45 10.68
C ILE A 115 6.95 -10.73 12.15
N GLY A 116 5.67 -10.82 12.53
CA GLY A 116 5.20 -11.08 13.91
C GLY A 116 6.01 -12.19 14.55
N GLU A 117 6.10 -13.33 13.88
CA GLU A 117 6.86 -14.52 14.36
C GLU A 117 8.33 -14.15 14.58
N ARG A 118 8.93 -13.41 13.64
CA ARG A 118 10.40 -13.12 13.64
C ARG A 118 10.79 -12.21 14.80
N ILE A 119 9.88 -11.37 15.31
CA ILE A 119 10.20 -10.39 16.39
C ILE A 119 9.69 -10.93 17.73
N GLY A 120 9.19 -12.18 17.71
CA GLY A 120 8.83 -12.98 18.90
C GLY A 120 7.47 -12.63 19.49
N ALA A 121 6.50 -12.24 18.67
CA ALA A 121 5.08 -12.04 19.09
C ALA A 121 4.38 -13.41 19.06
N ARG A 122 3.31 -13.54 19.87
CA ARG A 122 2.36 -14.68 19.80
C ARG A 122 1.33 -14.34 18.71
N VAL A 123 1.34 -15.08 17.60
CA VAL A 123 0.71 -14.69 16.29
C VAL A 123 -0.56 -15.52 16.03
N HIS A 124 -1.75 -14.86 16.04
CA HIS A 124 -3.11 -15.48 15.98
C HIS A 124 -3.73 -15.28 14.58
N PRO A 125 -3.42 -16.22 13.66
CA PRO A 125 -3.86 -16.24 12.26
C PRO A 125 -5.31 -16.66 11.91
N MET A 126 -6.16 -15.69 11.61
CA MET A 126 -7.58 -15.93 11.27
C MET A 126 -7.73 -16.25 9.78
N THR A 127 -7.06 -17.29 9.30
CA THR A 127 -7.00 -17.61 7.86
C THR A 127 -8.45 -17.63 7.32
N LYS A 128 -8.71 -16.89 6.25
CA LYS A 128 -9.96 -16.95 5.43
C LYS A 128 -9.50 -17.15 3.97
N ASP A 129 -10.21 -17.99 3.20
CA ASP A 129 -9.78 -18.39 1.84
C ASP A 129 -9.86 -17.16 0.93
N PRO A 130 -9.01 -17.09 -0.11
CA PRO A 130 -8.96 -15.94 -1.03
C PRO A 130 -10.34 -15.44 -1.49
N GLY A 131 -10.63 -14.17 -1.20
CA GLY A 131 -11.90 -13.49 -1.55
C GLY A 131 -12.65 -13.08 -0.29
N GLY A 132 -12.38 -13.75 0.84
CA GLY A 132 -13.08 -13.56 2.13
C GLY A 132 -12.71 -12.25 2.78
N HIS A 133 -13.51 -11.80 3.76
CA HIS A 133 -13.28 -10.55 4.55
C HIS A 133 -13.55 -10.85 6.04
N TYR A 134 -13.62 -9.81 6.88
CA TYR A 134 -13.75 -9.97 8.35
C TYR A 134 -14.92 -9.15 8.90
N THR A 135 -15.80 -9.89 9.54
CA THR A 135 -17.04 -9.46 10.23
C THR A 135 -16.69 -9.09 11.67
N LEU A 136 -17.26 -7.98 12.18
CA LEU A 136 -16.89 -7.36 13.49
C LEU A 136 -16.96 -8.41 14.58
N GLN A 137 -17.91 -9.34 14.46
CA GLN A 137 -18.12 -10.38 15.48
C GLN A 137 -16.91 -11.31 15.42
N GLU A 138 -16.57 -11.84 14.23
CA GLU A 138 -15.40 -12.74 14.08
C GLU A 138 -14.16 -12.12 14.75
N VAL A 139 -14.04 -10.79 14.66
CA VAL A 139 -12.95 -10.00 15.32
C VAL A 139 -13.10 -10.11 16.84
N GLU A 140 -14.29 -9.82 17.40
CA GLU A 140 -14.51 -9.83 18.88
C GLU A 140 -14.40 -11.28 19.42
N GLU A 141 -14.69 -12.30 18.60
CA GLU A 141 -14.55 -13.74 18.98
C GLU A 141 -13.07 -14.08 19.11
N GLY A 142 -12.24 -13.61 18.17
CA GLY A 142 -10.77 -13.64 18.30
C GLY A 142 -10.31 -12.79 19.48
N LEU A 143 -10.79 -11.54 19.57
CA LEU A 143 -10.45 -10.59 20.65
C LEU A 143 -10.72 -11.21 22.03
N ALA A 144 -11.84 -11.93 22.15
CA ALA A 144 -12.24 -12.69 23.37
C ALA A 144 -11.27 -13.86 23.59
N GLN A 145 -10.91 -14.59 22.54
CA GLN A 145 -10.08 -15.84 22.64
C GLN A 145 -8.63 -15.54 23.01
N HIS A 146 -8.04 -14.45 22.51
CA HIS A 146 -6.57 -14.24 22.45
C HIS A 146 -6.12 -12.98 23.23
N LYS A 147 -7.01 -12.01 23.43
CA LYS A 147 -6.78 -10.72 24.15
C LYS A 147 -5.50 -10.08 23.63
N PRO A 148 -5.45 -9.73 22.31
CA PRO A 148 -4.25 -9.15 21.70
C PRO A 148 -4.05 -7.67 22.06
N VAL A 149 -2.81 -7.19 21.90
CA VAL A 149 -2.43 -5.76 22.08
C VAL A 149 -2.62 -5.01 20.74
N LEU A 150 -2.67 -5.74 19.60
CA LEU A 150 -2.78 -5.16 18.23
C LEU A 150 -3.48 -6.15 17.27
N LEU A 151 -4.47 -5.63 16.52
CA LEU A 151 -5.11 -6.31 15.36
C LEU A 151 -4.64 -5.64 14.06
N PHE A 152 -4.14 -6.45 13.13
CA PHE A 152 -3.77 -6.03 11.75
C PHE A 152 -4.94 -6.37 10.85
N LEU A 153 -5.42 -5.38 10.09
CA LEU A 153 -6.47 -5.58 9.05
C LEU A 153 -6.00 -4.94 7.73
N THR A 154 -5.96 -5.76 6.67
CA THR A 154 -5.74 -5.32 5.26
C THR A 154 -6.99 -4.61 4.76
N HIS A 155 -6.92 -3.31 4.48
CA HIS A 155 -8.03 -2.52 3.89
C HIS A 155 -8.22 -3.00 2.45
N GLY A 156 -7.45 -2.42 1.51
CA GLY A 156 -7.38 -2.87 0.11
C GLY A 156 -6.53 -4.12 -0.03
N GLU A 157 -7.17 -5.29 -0.08
CA GLU A 157 -6.43 -6.56 -0.18
C GLU A 157 -6.06 -6.78 -1.65
N SER A 158 -4.91 -6.26 -2.08
CA SER A 158 -4.49 -6.20 -3.50
C SER A 158 -4.15 -7.61 -4.03
N SER A 159 -4.13 -8.66 -3.21
CA SER A 159 -3.88 -10.04 -3.71
C SER A 159 -5.21 -10.74 -4.02
N THR A 160 -6.32 -10.20 -3.53
CA THR A 160 -7.66 -10.84 -3.64
C THR A 160 -8.69 -9.88 -4.23
N GLY A 161 -8.35 -8.59 -4.39
CA GLY A 161 -9.24 -7.54 -4.92
C GLY A 161 -10.41 -7.21 -3.98
N VAL A 162 -10.27 -7.51 -2.68
CA VAL A 162 -11.31 -7.30 -1.63
C VAL A 162 -11.16 -5.91 -0.99
N LEU A 163 -12.26 -5.17 -0.80
CA LEU A 163 -12.32 -3.93 0.01
C LEU A 163 -12.90 -4.28 1.38
N GLN A 164 -12.03 -4.42 2.39
CA GLN A 164 -12.41 -4.68 3.80
C GLN A 164 -13.21 -3.49 4.34
N PRO A 165 -14.43 -3.72 4.88
CA PRO A 165 -15.12 -2.71 5.67
C PRO A 165 -14.33 -2.37 6.95
N LEU A 166 -14.22 -1.09 7.28
CA LEU A 166 -13.42 -0.61 8.43
C LEU A 166 -14.36 -0.14 9.57
N ASP A 167 -15.50 0.48 9.25
CA ASP A 167 -16.40 1.15 10.24
C ASP A 167 -16.64 0.22 11.45
N GLY A 168 -16.53 0.78 12.66
CA GLY A 168 -16.87 0.14 13.95
C GLY A 168 -15.66 -0.48 14.66
N PHE A 169 -14.77 -1.12 13.89
CA PHE A 169 -13.68 -2.04 14.35
C PHE A 169 -12.75 -1.33 15.34
N GLY A 170 -12.49 -0.04 15.14
CA GLY A 170 -11.64 0.76 16.06
C GLY A 170 -12.24 0.84 17.46
N GLU A 171 -13.55 1.09 17.51
CA GLU A 171 -14.36 1.20 18.76
C GLU A 171 -14.44 -0.18 19.43
N LEU A 172 -14.56 -1.25 18.63
CA LEU A 172 -14.47 -2.66 19.11
C LEU A 172 -13.12 -2.88 19.78
N CYS A 173 -12.03 -2.71 19.02
CA CYS A 173 -10.63 -3.00 19.46
C CYS A 173 -10.33 -2.22 20.73
N HIS A 174 -10.71 -0.94 20.77
CA HIS A 174 -10.45 0.00 21.90
C HIS A 174 -11.13 -0.47 23.19
N ARG A 175 -12.36 -0.99 23.10
CA ARG A 175 -13.08 -1.63 24.24
C ARG A 175 -12.21 -2.73 24.87
N TYR A 176 -11.56 -3.59 24.07
CA TYR A 176 -10.70 -4.72 24.53
C TYR A 176 -9.25 -4.28 24.85
N LYS A 177 -8.99 -2.97 24.90
CA LYS A 177 -7.66 -2.31 25.12
C LYS A 177 -6.69 -2.54 23.93
N CYS A 178 -7.18 -3.11 22.82
CA CYS A 178 -6.42 -3.53 21.59
C CYS A 178 -6.12 -2.31 20.71
N LEU A 179 -5.05 -2.37 19.90
CA LEU A 179 -4.69 -1.32 18.90
C LEU A 179 -5.07 -1.80 17.49
N LEU A 180 -5.62 -0.91 16.67
CA LEU A 180 -5.96 -1.23 15.26
C LEU A 180 -4.86 -0.71 14.33
N LEU A 181 -4.20 -1.65 13.62
CA LEU A 181 -3.23 -1.42 12.51
C LEU A 181 -3.88 -1.82 11.18
N VAL A 182 -3.95 -0.87 10.24
CA VAL A 182 -4.63 -1.05 8.92
C VAL A 182 -3.61 -0.84 7.80
N ASP A 183 -3.51 -1.82 6.89
CA ASP A 183 -2.68 -1.76 5.66
C ASP A 183 -3.51 -1.09 4.56
N SER A 184 -3.31 0.21 4.34
CA SER A 184 -4.03 1.01 3.30
CA SER A 184 -4.03 1.01 3.30
C SER A 184 -3.10 1.38 2.15
N VAL A 185 -2.17 0.48 1.78
CA VAL A 185 -1.19 0.72 0.69
C VAL A 185 -1.93 0.70 -0.65
N ALA A 186 -2.86 -0.22 -0.81
CA ALA A 186 -3.59 -0.45 -2.09
C ALA A 186 -4.99 0.20 -2.06
N SER A 187 -5.28 1.09 -1.12
CA SER A 187 -6.63 1.67 -0.92
C SER A 187 -6.56 3.20 -0.82
N LEU A 188 -5.60 3.72 -0.08
CA LEU A 188 -5.43 5.17 0.10
C LEU A 188 -5.65 5.89 -1.23
N GLY A 189 -6.53 6.88 -1.27
CA GLY A 189 -6.75 7.77 -2.43
C GLY A 189 -7.78 7.22 -3.41
N GLY A 190 -8.12 5.93 -3.30
CA GLY A 190 -8.98 5.22 -4.28
C GLY A 190 -10.28 4.71 -3.67
N THR A 191 -10.45 4.86 -2.35
CA THR A 191 -11.69 4.50 -1.63
C THR A 191 -11.72 5.30 -0.33
N PRO A 192 -12.92 5.60 0.23
CA PRO A 192 -13.04 6.33 1.49
C PRO A 192 -12.24 5.67 2.64
N LEU A 193 -11.57 6.53 3.41
CA LEU A 193 -10.66 6.18 4.53
C LEU A 193 -10.52 7.41 5.42
N TYR A 194 -10.94 7.29 6.68
CA TYR A 194 -10.88 8.38 7.69
C TYR A 194 -10.19 7.83 8.94
N MET A 195 -8.89 8.12 9.14
CA MET A 195 -8.09 7.48 10.21
C MET A 195 -8.74 7.78 11.58
N ASP A 196 -8.80 9.06 11.93
CA ASP A 196 -9.29 9.52 13.27
C ASP A 196 -10.72 8.98 13.47
N ARG A 197 -11.66 9.35 12.57
CA ARG A 197 -13.11 8.99 12.65
C ARG A 197 -13.33 7.47 12.82
N GLN A 198 -12.57 6.61 12.17
CA GLN A 198 -12.77 5.13 12.19
C GLN A 198 -11.95 4.53 13.33
N GLY A 199 -11.28 5.39 14.11
CA GLY A 199 -10.48 5.01 15.30
C GLY A 199 -9.41 4.00 14.93
N ILE A 200 -8.54 4.37 13.99
CA ILE A 200 -7.36 3.55 13.60
C ILE A 200 -6.17 4.10 14.41
N ASP A 201 -5.31 3.21 14.92
CA ASP A 201 -4.17 3.55 15.82
C ASP A 201 -2.87 3.62 15.01
N ILE A 202 -2.62 2.62 14.16
CA ILE A 202 -1.55 2.67 13.13
C ILE A 202 -2.16 2.50 11.73
N LEU A 203 -1.94 3.50 10.86
CA LEU A 203 -2.26 3.46 9.41
C LEU A 203 -0.99 3.73 8.61
N TYR A 204 -0.69 2.86 7.63
CA TYR A 204 0.43 3.03 6.67
C TYR A 204 -0.09 2.89 5.24
N SER A 205 0.63 3.53 4.31
CA SER A 205 0.42 3.45 2.83
C SER A 205 1.75 3.58 2.10
N GLY A 206 1.77 3.20 0.82
CA GLY A 206 2.96 3.25 -0.05
C GLY A 206 2.80 4.31 -1.13
N SER A 207 3.92 4.90 -1.54
CA SER A 207 4.00 5.98 -2.57
C SER A 207 3.63 5.47 -3.98
N GLN A 208 3.93 4.21 -4.32
CA GLN A 208 3.93 3.75 -5.73
C GLN A 208 2.55 3.31 -6.19
N LYS A 209 1.52 3.50 -5.35
CA LYS A 209 0.16 2.96 -5.65
C LYS A 209 -0.69 4.13 -6.19
N ALA A 210 -1.73 4.59 -5.49
CA ALA A 210 -2.71 5.50 -6.13
C ALA A 210 -2.16 6.93 -6.10
N LEU A 211 -1.01 7.18 -5.45
CA LEU A 211 -0.44 8.54 -5.31
C LEU A 211 0.44 8.84 -6.51
N ASN A 212 0.84 7.78 -7.23
CA ASN A 212 1.58 7.84 -8.52
C ASN A 212 3.01 8.39 -8.29
N ALA A 213 3.58 8.28 -7.08
CA ALA A 213 5.02 8.60 -6.84
C ALA A 213 5.86 7.32 -7.02
N PRO A 214 7.20 7.40 -7.17
CA PRO A 214 8.01 6.21 -7.42
C PRO A 214 8.17 5.35 -6.17
N PRO A 215 8.38 4.01 -6.29
CA PRO A 215 8.45 3.15 -5.11
C PRO A 215 9.66 3.46 -4.24
N GLY A 216 9.58 3.10 -2.96
CA GLY A 216 10.70 3.21 -2.01
C GLY A 216 10.49 4.27 -0.96
N THR A 217 9.35 4.96 -0.92
CA THR A 217 8.89 5.58 0.36
C THR A 217 7.52 5.00 0.73
N SER A 218 7.16 5.18 2.00
CA SER A 218 5.85 4.80 2.57
C SER A 218 5.42 5.84 3.62
N LEU A 219 4.12 5.89 3.85
CA LEU A 219 3.45 6.84 4.76
CA LEU A 219 3.46 6.84 4.77
C LEU A 219 2.99 6.08 6.01
N ILE A 220 3.14 6.69 7.18
CA ILE A 220 2.69 6.07 8.46
C ILE A 220 2.20 7.17 9.39
N SER A 221 1.16 6.84 10.15
CA SER A 221 0.63 7.70 11.24
C SER A 221 0.23 6.84 12.43
N PHE A 222 0.59 7.31 13.63
CA PHE A 222 0.33 6.67 14.95
C PHE A 222 -0.58 7.57 15.80
N SER A 223 -1.66 6.99 16.32
CA SER A 223 -2.57 7.64 17.32
C SER A 223 -1.83 7.79 18.63
N ASP A 224 -2.42 8.51 19.58
CA ASP A 224 -1.85 8.65 20.94
C ASP A 224 -1.76 7.28 21.60
N LYS A 225 -2.83 6.49 21.58
CA LYS A 225 -2.79 5.17 22.26
C LYS A 225 -1.57 4.40 21.75
N ALA A 226 -1.43 4.24 20.43
CA ALA A 226 -0.25 3.62 19.79
C ALA A 226 1.01 4.24 20.41
N LYS A 227 1.10 5.57 20.39
CA LYS A 227 2.32 6.30 20.83
C LYS A 227 2.73 5.80 22.23
N LYS A 228 1.76 5.63 23.13
CA LYS A 228 2.00 5.23 24.53
C LYS A 228 2.67 3.87 24.55
N LYS A 229 2.04 2.87 23.93
CA LYS A 229 2.57 1.49 23.85
C LYS A 229 4.03 1.51 23.37
N MET A 230 4.38 2.34 22.37
CA MET A 230 5.73 2.42 21.75
C MET A 230 6.68 3.19 22.67
N TYR A 231 6.17 4.18 23.41
CA TYR A 231 6.96 5.06 24.30
C TYR A 231 6.89 4.61 25.77
N SER A 232 6.63 3.32 26.01
CA SER A 232 6.71 2.66 27.34
C SER A 232 6.97 1.15 27.14
N ARG A 233 7.81 0.80 26.16
CA ARG A 233 8.35 -0.57 25.98
C ARG A 233 9.36 -0.82 27.10
N LYS A 234 9.47 -2.06 27.57
CA LYS A 234 10.56 -2.48 28.48
C LYS A 234 11.85 -2.44 27.67
N THR A 235 11.86 -3.14 26.51
CA THR A 235 13.05 -3.36 25.65
C THR A 235 13.14 -2.25 24.59
N LYS A 236 14.24 -2.25 23.82
CA LYS A 236 14.41 -1.44 22.58
C LYS A 236 13.91 -2.27 21.41
N PRO A 237 13.33 -1.64 20.36
CA PRO A 237 13.03 -2.34 19.11
C PRO A 237 14.26 -3.04 18.50
N PHE A 238 14.03 -4.20 17.88
CA PHE A 238 15.08 -4.97 17.18
C PHE A 238 15.73 -4.12 16.06
N SER A 239 15.05 -3.11 15.53
CA SER A 239 15.58 -2.23 14.45
C SER A 239 15.95 -0.84 14.98
N PHE A 240 17.12 -0.34 14.58
CA PHE A 240 17.60 1.05 14.83
C PHE A 240 17.13 1.98 13.70
N TYR A 241 17.31 1.53 12.45
CA TYR A 241 16.83 2.20 11.21
C TYR A 241 15.35 2.59 11.35
N LEU A 242 14.51 1.77 11.99
CA LEU A 242 13.04 1.97 12.04
C LEU A 242 12.61 2.39 13.44
N ASP A 243 13.54 2.71 14.33
CA ASP A 243 13.18 3.03 15.74
C ASP A 243 12.37 4.31 15.72
N ILE A 244 11.12 4.28 16.21
CA ILE A 244 10.17 5.40 16.00
C ILE A 244 10.67 6.63 16.74
N LYS A 245 11.35 6.46 17.87
CA LYS A 245 11.71 7.57 18.78
C LYS A 245 12.73 8.45 18.06
N TRP A 246 13.64 7.82 17.34
CA TRP A 246 14.63 8.48 16.46
C TRP A 246 13.94 9.16 15.28
N LEU A 247 13.10 8.41 14.55
CA LEU A 247 12.37 8.88 13.35
C LEU A 247 11.49 10.09 13.72
N ALA A 248 10.63 9.92 14.73
CA ALA A 248 9.74 10.97 15.30
C ALA A 248 10.56 12.25 15.52
N ASN A 249 11.71 12.13 16.15
CA ASN A 249 12.56 13.30 16.51
C ASN A 249 12.97 14.04 15.25
N PHE A 250 13.60 13.31 14.33
CA PHE A 250 14.17 13.86 13.06
C PHE A 250 13.06 14.60 12.29
N TRP A 251 11.93 13.94 12.07
CA TRP A 251 10.78 14.48 11.29
C TRP A 251 10.10 15.65 12.01
N GLY A 252 10.42 15.87 13.29
CA GLY A 252 10.06 17.09 14.04
C GLY A 252 8.82 16.90 14.90
N CYS A 253 8.45 15.65 15.20
CA CYS A 253 7.19 15.29 15.90
C CYS A 253 7.27 15.67 17.38
N ASP A 254 8.42 15.47 18.03
CA ASP A 254 8.61 15.71 19.49
C ASP A 254 9.14 17.13 19.74
N ASP A 255 9.51 17.41 21.01
CA ASP A 255 9.99 18.72 21.55
C ASP A 255 11.48 18.93 21.29
N GLN A 256 12.26 17.85 21.15
CA GLN A 256 13.74 17.95 20.99
C GLN A 256 14.08 18.43 19.58
N PRO A 257 15.19 19.19 19.40
CA PRO A 257 15.64 19.59 18.06
C PRO A 257 16.08 18.38 17.24
N ARG A 258 15.87 18.45 15.93
CA ARG A 258 16.00 17.28 15.01
C ARG A 258 17.47 16.85 14.99
N MET A 259 17.76 15.63 15.47
CA MET A 259 19.12 15.05 15.50
C MET A 259 19.27 14.06 14.34
N TYR A 260 20.47 13.98 13.73
CA TYR A 260 20.80 13.07 12.61
C TYR A 260 20.61 11.59 12.98
N HIS A 261 19.62 10.92 12.38
CA HIS A 261 19.39 9.47 12.50
C HIS A 261 20.04 8.77 11.31
N HIS A 262 19.33 8.70 10.18
CA HIS A 262 19.84 8.28 8.85
C HIS A 262 19.70 9.47 7.89
N THR A 263 20.15 9.30 6.65
CA THR A 263 19.92 10.23 5.51
C THR A 263 18.64 9.85 4.77
N ILE A 264 17.66 10.77 4.72
CA ILE A 264 16.32 10.58 4.06
C ILE A 264 16.50 10.62 2.55
N PRO A 265 15.67 9.93 1.74
CA PRO A 265 15.87 9.88 0.29
C PRO A 265 15.34 11.16 -0.39
N VAL A 266 16.15 12.22 -0.34
CA VAL A 266 15.77 13.64 -0.64
C VAL A 266 14.94 13.74 -1.93
N ILE A 267 15.44 13.18 -3.05
CA ILE A 267 14.81 13.31 -4.40
C ILE A 267 13.46 12.59 -4.39
N SER A 268 13.36 11.46 -3.67
CA SER A 268 12.09 10.73 -3.52
C SER A 268 11.08 11.64 -2.81
N LEU A 269 11.54 12.38 -1.78
CA LEU A 269 10.68 13.28 -0.95
C LEU A 269 10.14 14.45 -1.80
N TYR A 270 10.97 15.02 -2.68
CA TYR A 270 10.55 15.94 -3.77
C TYR A 270 9.34 15.38 -4.54
N SER A 271 9.52 14.19 -5.14
CA SER A 271 8.48 13.44 -5.89
C SER A 271 7.24 13.22 -5.01
N LEU A 272 7.43 12.75 -3.78
CA LEU A 272 6.31 12.35 -2.87
C LEU A 272 5.51 13.60 -2.54
N ARG A 273 6.21 14.66 -2.15
CA ARG A 273 5.62 16.00 -1.96
C ARG A 273 4.65 16.32 -3.11
N GLU A 274 5.15 16.32 -4.36
CA GLU A 274 4.34 16.62 -5.58
C GLU A 274 3.16 15.65 -5.66
N SER A 275 3.38 14.36 -5.43
CA SER A 275 2.26 13.38 -5.55
C SER A 275 1.14 13.81 -4.58
N LEU A 276 1.51 14.42 -3.45
CA LEU A 276 0.54 14.80 -2.38
C LEU A 276 -0.11 16.14 -2.75
N ALA A 277 0.67 17.08 -3.25
CA ALA A 277 0.15 18.33 -3.89
C ALA A 277 -0.88 18.00 -5.00
N LEU A 278 -0.67 16.97 -5.83
CA LEU A 278 -1.64 16.61 -6.90
C LEU A 278 -2.98 16.21 -6.27
N ILE A 279 -3.01 15.21 -5.38
CA ILE A 279 -4.28 14.67 -4.80
C ILE A 279 -4.88 15.72 -3.86
N ALA A 280 -4.07 16.62 -3.32
CA ALA A 280 -4.54 17.84 -2.63
C ALA A 280 -5.36 18.67 -3.64
N GLU A 281 -4.77 19.06 -4.76
CA GLU A 281 -5.44 19.85 -5.83
C GLU A 281 -6.73 19.17 -6.31
N GLN A 282 -6.70 17.86 -6.59
CA GLN A 282 -7.92 17.11 -6.99
C GLN A 282 -8.92 17.26 -5.85
N GLY A 283 -8.55 16.82 -4.65
CA GLY A 283 -9.48 16.64 -3.51
C GLY A 283 -9.88 15.18 -3.38
N LEU A 284 -9.97 14.70 -2.14
CA LEU A 284 -10.05 13.26 -1.82
C LEU A 284 -11.29 12.62 -2.45
N GLU A 285 -12.42 13.32 -2.40
CA GLU A 285 -13.74 12.71 -2.73
C GLU A 285 -13.88 12.65 -4.24
N ASN A 286 -13.24 13.59 -4.92
CA ASN A 286 -13.05 13.55 -6.40
C ASN A 286 -12.29 12.25 -6.76
N SER A 287 -11.12 12.02 -6.16
CA SER A 287 -10.23 10.86 -6.41
C SER A 287 -11.01 9.57 -6.16
N TRP A 288 -11.86 9.55 -5.12
CA TRP A 288 -12.65 8.35 -4.75
C TRP A 288 -13.73 8.12 -5.80
N ARG A 289 -14.30 9.21 -6.31
CA ARG A 289 -15.29 9.22 -7.42
C ARG A 289 -14.63 8.57 -8.66
N GLN A 290 -13.54 9.18 -9.14
CA GLN A 290 -12.76 8.72 -10.33
C GLN A 290 -12.56 7.20 -10.24
N HIS A 291 -12.04 6.70 -9.12
CA HIS A 291 -11.61 5.28 -8.98
C HIS A 291 -12.83 4.36 -8.89
N ARG A 292 -13.91 4.86 -8.30
CA ARG A 292 -15.17 4.10 -8.09
C ARG A 292 -15.84 3.87 -9.45
N GLU A 293 -15.95 4.93 -10.25
CA GLU A 293 -16.54 4.93 -11.61
C GLU A 293 -15.70 4.10 -12.57
N ALA A 294 -14.39 4.42 -12.72
CA ALA A 294 -13.41 3.67 -13.54
C ALA A 294 -13.57 2.19 -13.23
N ALA A 295 -13.43 1.81 -11.96
CA ALA A 295 -13.61 0.43 -11.49
C ALA A 295 -14.93 -0.11 -12.06
N ALA A 296 -16.04 0.64 -11.91
CA ALA A 296 -17.40 0.24 -12.35
C ALA A 296 -17.39 -0.10 -13.85
N TYR A 297 -16.88 0.84 -14.65
CA TYR A 297 -16.69 0.72 -16.12
C TYR A 297 -15.97 -0.59 -16.45
N LEU A 298 -14.77 -0.78 -15.87
CA LEU A 298 -13.88 -1.96 -16.11
C LEU A 298 -14.65 -3.27 -15.88
N HIS A 299 -15.38 -3.41 -14.78
CA HIS A 299 -16.13 -4.65 -14.44
C HIS A 299 -17.22 -4.89 -15.50
N GLY A 300 -17.81 -3.81 -16.02
CA GLY A 300 -18.79 -3.88 -17.10
C GLY A 300 -18.16 -4.52 -18.33
N ARG A 301 -17.04 -3.96 -18.79
CA ARG A 301 -16.28 -4.36 -20.00
C ARG A 301 -15.79 -5.82 -19.88
N LEU A 302 -15.25 -6.19 -18.71
CA LEU A 302 -14.68 -7.55 -18.46
C LEU A 302 -15.82 -8.56 -18.45
N GLN A 303 -16.98 -8.14 -17.95
CA GLN A 303 -18.22 -8.97 -17.89
C GLN A 303 -18.66 -9.30 -19.32
N ALA A 304 -18.54 -8.34 -20.24
CA ALA A 304 -18.87 -8.48 -21.69
C ALA A 304 -17.98 -9.55 -22.33
N LEU A 305 -16.66 -9.48 -22.14
CA LEU A 305 -15.68 -10.46 -22.68
C LEU A 305 -16.02 -11.88 -22.19
N GLY A 306 -16.94 -12.01 -21.22
CA GLY A 306 -17.38 -13.31 -20.68
C GLY A 306 -16.48 -13.76 -19.54
N LEU A 307 -15.67 -12.84 -18.99
CA LEU A 307 -14.79 -13.07 -17.82
C LEU A 307 -15.64 -12.90 -16.55
N GLN A 308 -15.19 -13.51 -15.45
CA GLN A 308 -15.89 -13.53 -14.15
C GLN A 308 -15.04 -12.80 -13.10
N LEU A 309 -15.61 -11.78 -12.43
CA LEU A 309 -14.97 -11.05 -11.29
C LEU A 309 -14.95 -11.94 -10.05
N PHE A 310 -13.75 -12.14 -9.49
CA PHE A 310 -13.44 -13.11 -8.41
C PHE A 310 -14.27 -12.74 -7.16
N VAL A 311 -14.28 -11.46 -6.80
CA VAL A 311 -15.13 -10.87 -5.73
C VAL A 311 -16.51 -10.60 -6.32
N LYS A 312 -17.53 -11.35 -5.88
CA LYS A 312 -18.89 -11.41 -6.48
C LYS A 312 -19.76 -10.23 -5.98
N ASP A 313 -19.65 -9.85 -4.70
CA ASP A 313 -20.38 -8.71 -4.10
C ASP A 313 -19.70 -7.39 -4.48
N PRO A 314 -20.32 -6.55 -5.34
CA PRO A 314 -19.71 -5.29 -5.80
C PRO A 314 -19.33 -4.28 -4.71
N ALA A 315 -19.95 -4.40 -3.54
CA ALA A 315 -19.67 -3.59 -2.34
C ALA A 315 -18.36 -4.07 -1.66
N LEU A 316 -17.82 -5.23 -2.04
CA LEU A 316 -16.55 -5.77 -1.49
C LEU A 316 -15.41 -5.75 -2.53
N ARG A 317 -15.58 -5.12 -3.70
CA ARG A 317 -14.55 -5.05 -4.77
C ARG A 317 -13.67 -3.81 -4.59
N LEU A 318 -12.34 -4.01 -4.50
CA LEU A 318 -11.36 -2.91 -4.40
C LEU A 318 -11.37 -2.18 -5.74
N PRO A 319 -11.72 -0.86 -5.77
CA PRO A 319 -11.66 -0.10 -7.02
C PRO A 319 -10.27 -0.02 -7.68
N THR A 320 -9.18 -0.07 -6.90
CA THR A 320 -7.80 0.18 -7.36
C THR A 320 -7.21 -1.09 -8.00
N VAL A 321 -7.63 -2.27 -7.54
CA VAL A 321 -7.08 -3.58 -8.00
C VAL A 321 -8.22 -4.57 -8.15
N THR A 322 -8.54 -4.92 -9.39
CA THR A 322 -9.64 -5.84 -9.74
C THR A 322 -9.09 -7.24 -10.00
N THR A 323 -9.49 -8.20 -9.19
CA THR A 323 -9.24 -9.65 -9.41
C THR A 323 -10.24 -10.13 -10.46
N VAL A 324 -9.75 -10.94 -11.41
CA VAL A 324 -10.54 -11.60 -12.50
C VAL A 324 -10.23 -13.08 -12.42
N ALA A 325 -11.24 -13.92 -12.20
CA ALA A 325 -11.08 -15.39 -12.24
C ALA A 325 -10.37 -15.73 -13.56
N VAL A 326 -9.34 -16.57 -13.49
CA VAL A 326 -8.61 -17.07 -14.70
C VAL A 326 -9.64 -17.86 -15.50
N PRO A 327 -9.85 -17.54 -16.80
CA PRO A 327 -10.85 -18.25 -17.60
C PRO A 327 -10.45 -19.73 -17.77
N ALA A 328 -11.43 -20.64 -17.64
CA ALA A 328 -11.22 -22.10 -17.71
C ALA A 328 -10.58 -22.44 -19.06
N GLY A 329 -9.50 -23.23 -19.04
CA GLY A 329 -8.84 -23.81 -20.22
C GLY A 329 -7.67 -22.99 -20.76
N TYR A 330 -7.26 -21.92 -20.07
CA TYR A 330 -6.10 -21.06 -20.43
C TYR A 330 -4.96 -21.19 -19.42
N ASP A 331 -3.72 -20.99 -19.90
CA ASP A 331 -2.49 -20.79 -19.07
C ASP A 331 -2.37 -19.29 -18.77
N TRP A 332 -2.67 -18.87 -17.52
CA TRP A 332 -2.71 -17.44 -17.13
C TRP A 332 -1.46 -16.76 -17.69
N ARG A 333 -0.28 -17.36 -17.48
CA ARG A 333 1.04 -16.81 -17.89
C ARG A 333 1.06 -16.54 -19.40
N ASP A 334 0.32 -17.32 -20.20
CA ASP A 334 0.15 -17.07 -21.66
C ASP A 334 -0.52 -15.71 -21.86
N ILE A 335 -1.68 -15.52 -21.24
CA ILE A 335 -2.43 -14.23 -21.34
C ILE A 335 -1.43 -13.14 -20.95
N VAL A 336 -0.99 -13.10 -19.67
CA VAL A 336 -0.14 -12.01 -19.09
C VAL A 336 0.98 -11.69 -20.09
N SER A 337 1.67 -12.71 -20.60
CA SER A 337 2.82 -12.56 -21.54
C SER A 337 2.32 -11.98 -22.88
N TYR A 338 1.23 -12.51 -23.43
CA TYR A 338 0.63 -12.01 -24.69
C TYR A 338 0.38 -10.49 -24.58
N VAL A 339 -0.26 -10.07 -23.48
CA VAL A 339 -0.69 -8.66 -23.26
C VAL A 339 0.54 -7.74 -23.35
N ILE A 340 1.56 -7.95 -22.50
CA ILE A 340 2.79 -7.11 -22.45
C ILE A 340 3.47 -7.17 -23.81
N ASP A 341 3.60 -8.36 -24.39
CA ASP A 341 4.33 -8.57 -25.68
C ASP A 341 3.68 -7.77 -26.80
N HIS A 342 2.34 -7.86 -26.95
CA HIS A 342 1.58 -7.37 -28.12
C HIS A 342 1.05 -5.94 -27.90
N PHE A 343 0.79 -5.52 -26.64
CA PHE A 343 0.13 -4.23 -26.33
C PHE A 343 0.95 -3.35 -25.36
N ASP A 344 2.12 -3.82 -24.91
CA ASP A 344 3.03 -3.10 -23.97
C ASP A 344 2.29 -2.74 -22.68
N ILE A 345 1.35 -3.58 -22.24
CA ILE A 345 0.57 -3.38 -20.99
C ILE A 345 1.00 -4.44 -19.98
N GLU A 346 1.42 -4.01 -18.78
CA GLU A 346 1.70 -4.90 -17.63
C GLU A 346 0.38 -5.17 -16.92
N ILE A 347 -0.06 -6.42 -16.91
CA ILE A 347 -1.00 -6.96 -15.89
C ILE A 347 -0.28 -8.11 -15.18
N MET A 348 -0.82 -8.55 -14.05
CA MET A 348 -0.20 -9.57 -13.18
C MET A 348 -1.14 -10.75 -13.07
N GLY A 349 -0.63 -11.88 -12.60
CA GLY A 349 -1.42 -13.01 -12.09
C GLY A 349 -1.71 -12.81 -10.61
N GLY A 350 -1.86 -13.92 -9.88
CA GLY A 350 -2.14 -13.89 -8.43
C GLY A 350 -0.93 -13.52 -7.60
N LEU A 351 -0.97 -13.84 -6.30
CA LEU A 351 0.08 -13.53 -5.29
C LEU A 351 -0.34 -14.15 -3.95
N GLY A 352 0.52 -14.98 -3.35
CA GLY A 352 0.21 -15.69 -2.10
C GLY A 352 -0.93 -16.69 -2.29
N PRO A 353 -2.01 -16.63 -1.47
CA PRO A 353 -3.15 -17.54 -1.63
C PRO A 353 -3.77 -17.49 -3.03
N SER A 354 -3.82 -16.31 -3.67
CA SER A 354 -4.50 -16.09 -4.97
C SER A 354 -3.62 -16.51 -6.17
N THR A 355 -2.38 -16.97 -5.95
CA THR A 355 -1.43 -17.44 -7.01
C THR A 355 -2.12 -18.45 -7.95
N GLY A 356 -2.09 -18.20 -9.26
CA GLY A 356 -2.64 -19.11 -10.28
C GLY A 356 -4.14 -18.94 -10.49
N LYS A 357 -4.87 -18.47 -9.48
CA LYS A 357 -6.36 -18.43 -9.45
C LYS A 357 -6.91 -17.22 -10.22
N VAL A 358 -6.19 -16.09 -10.27
CA VAL A 358 -6.74 -14.80 -10.80
C VAL A 358 -5.81 -14.18 -11.84
N LEU A 359 -6.32 -13.15 -12.52
CA LEU A 359 -5.54 -12.05 -13.13
C LEU A 359 -5.86 -10.80 -12.32
N ARG A 360 -4.90 -9.90 -12.18
CA ARG A 360 -5.06 -8.66 -11.38
C ARG A 360 -4.90 -7.49 -12.35
N ILE A 361 -5.81 -6.52 -12.28
CA ILE A 361 -5.77 -5.28 -13.10
C ILE A 361 -5.83 -4.06 -12.18
N GLY A 362 -4.99 -3.06 -12.45
CA GLY A 362 -4.73 -1.96 -11.53
C GLY A 362 -5.14 -0.63 -12.12
N LEU A 363 -6.05 0.07 -11.44
CA LEU A 363 -6.42 1.47 -11.75
C LEU A 363 -5.98 2.35 -10.58
N LEU A 364 -4.90 3.13 -10.74
CA LEU A 364 -4.28 3.90 -9.63
C LEU A 364 -3.98 5.32 -10.09
N GLY A 365 -4.68 6.28 -9.50
CA GLY A 365 -4.48 7.73 -9.66
C GLY A 365 -4.65 8.09 -11.12
N CYS A 366 -3.71 8.84 -11.68
CA CYS A 366 -3.77 9.34 -13.09
C CYS A 366 -4.07 8.17 -14.04
N ASN A 367 -3.60 6.96 -13.73
CA ASN A 367 -3.80 5.73 -14.56
C ASN A 367 -5.24 5.20 -14.52
N ALA A 368 -6.14 5.70 -13.66
CA ALA A 368 -7.50 5.14 -13.47
C ALA A 368 -8.51 5.84 -14.38
N THR A 369 -8.38 5.64 -15.70
CA THR A 369 -9.16 6.33 -16.78
C THR A 369 -9.88 5.28 -17.63
N ARG A 370 -10.98 5.66 -18.29
CA ARG A 370 -11.78 4.77 -19.17
C ARG A 370 -10.90 4.30 -20.33
N GLU A 371 -10.04 5.21 -20.81
CA GLU A 371 -9.08 5.01 -21.92
C GLU A 371 -8.34 3.70 -21.67
N ASN A 372 -7.72 3.62 -20.48
CA ASN A 372 -6.82 2.53 -20.06
C ASN A 372 -7.68 1.27 -19.91
N VAL A 373 -8.95 1.42 -19.51
CA VAL A 373 -9.87 0.25 -19.32
C VAL A 373 -10.18 -0.32 -20.71
N ASP A 374 -10.49 0.55 -21.66
CA ASP A 374 -10.66 0.15 -23.09
C ASP A 374 -9.42 -0.67 -23.48
N ARG A 375 -8.25 -0.01 -23.44
CA ARG A 375 -6.94 -0.62 -23.82
C ARG A 375 -6.82 -2.02 -23.20
N VAL A 376 -6.88 -2.14 -21.89
CA VAL A 376 -6.64 -3.46 -21.23
C VAL A 376 -7.72 -4.45 -21.68
N THR A 377 -8.92 -3.96 -22.04
CA THR A 377 -10.06 -4.82 -22.44
C THR A 377 -9.86 -5.28 -23.89
N GLU A 378 -9.43 -4.39 -24.77
CA GLU A 378 -9.03 -4.70 -26.17
C GLU A 378 -7.95 -5.80 -26.14
N ALA A 379 -6.87 -5.56 -25.39
CA ALA A 379 -5.71 -6.46 -25.21
C ALA A 379 -6.18 -7.82 -24.69
N LEU A 380 -7.00 -7.87 -23.65
CA LEU A 380 -7.49 -9.16 -23.06
C LEU A 380 -8.37 -9.88 -24.09
N ARG A 381 -9.11 -9.11 -24.91
CA ARG A 381 -9.93 -9.64 -26.02
C ARG A 381 -9.05 -10.51 -26.92
N ALA A 382 -8.07 -9.87 -27.58
CA ALA A 382 -7.13 -10.49 -28.54
C ALA A 382 -6.47 -11.71 -27.88
N ALA A 383 -6.01 -11.56 -26.63
CA ALA A 383 -5.33 -12.64 -25.90
C ALA A 383 -6.26 -13.85 -25.83
N LEU A 384 -7.50 -13.64 -25.35
CA LEU A 384 -8.48 -14.72 -25.10
C LEU A 384 -8.71 -15.56 -26.37
N GLN A 385 -8.77 -14.92 -27.54
CA GLN A 385 -9.04 -15.61 -28.83
C GLN A 385 -7.74 -16.14 -29.46
N HIS A 386 -6.54 -15.83 -28.93
CA HIS A 386 -5.24 -16.24 -29.53
C HIS A 386 -4.46 -17.19 -28.63
N CYS A 387 -4.64 -17.14 -27.30
CA CYS A 387 -3.97 -18.07 -26.36
C CYS A 387 -4.63 -19.46 -26.46
N PRO A 388 -3.82 -20.53 -26.37
CA PRO A 388 -4.29 -21.90 -26.57
C PRO A 388 -5.32 -22.32 -25.50
N LYS A 389 -6.23 -23.24 -25.87
CA LYS A 389 -7.32 -23.76 -24.98
C LYS A 389 -7.31 -25.29 -25.00
#